data_2JQ0
#
_entry.id   2JQ0
#
_cell.length_a   1.000
_cell.length_b   1.000
_cell.length_c   1.000
_cell.angle_alpha   90.00
_cell.angle_beta   90.00
_cell.angle_gamma   90.00
#
_symmetry.space_group_name_H-M   'P 1'
#
_entity_poly.entity_id   1
_entity_poly.type   'polypeptide(L)'
_entity_poly.pdbx_seq_one_letter_code
;FLSLIPHAINAVSAIAKHN(NH2)
;
_entity_poly.pdbx_strand_id   A
#
loop_
_chem_comp.id
_chem_comp.type
_chem_comp.name
_chem_comp.formula
NH2 non-polymer 'AMINO GROUP' 'H2 N'
#
# COMPACT_ATOMS: atom_id res chain seq x y z
N PHE A 1 10.43 11.73 1.22
CA PHE A 1 10.20 11.82 2.68
C PHE A 1 9.95 10.44 3.26
N LEU A 2 10.56 9.44 2.63
CA LEU A 2 10.39 8.06 3.08
C LEU A 2 8.97 7.58 2.84
N SER A 3 8.11 8.50 2.41
CA SER A 3 6.72 8.16 2.14
C SER A 3 6.60 7.28 0.91
N LEU A 4 7.42 6.23 0.85
CA LEU A 4 7.39 5.32 -0.29
C LEU A 4 7.41 3.87 0.20
N ILE A 5 8.09 3.63 1.32
CA ILE A 5 8.16 2.29 1.87
C ILE A 5 6.88 1.88 2.58
N PRO A 6 6.25 2.82 3.25
CA PRO A 6 4.99 2.58 4.01
C PRO A 6 3.76 2.74 3.12
N HIS A 7 3.97 3.16 1.88
CA HIS A 7 2.87 3.35 0.94
C HIS A 7 2.52 2.03 0.26
N ALA A 8 3.54 1.35 -0.26
CA ALA A 8 3.32 0.08 -0.94
C ALA A 8 2.72 -0.95 0.01
N ILE A 9 3.15 -0.91 1.26
CA ILE A 9 2.65 -1.85 2.26
C ILE A 9 1.17 -1.60 2.52
N ASN A 10 0.68 -0.42 2.11
CA ASN A 10 -0.72 -0.08 2.31
C ASN A 10 -1.54 -0.43 1.07
N ALA A 11 -0.94 -0.25 -0.10
CA ALA A 11 -1.63 -0.55 -1.35
C ALA A 11 -2.05 -2.01 -1.41
N VAL A 12 -1.39 -2.83 -0.60
CA VAL A 12 -1.71 -4.26 -0.56
C VAL A 12 -3.11 -4.49 -0.02
N SER A 13 -3.72 -3.42 0.48
CA SER A 13 -5.07 -3.51 1.00
C SER A 13 -6.06 -3.11 -0.06
N ALA A 14 -5.58 -2.37 -1.06
CA ALA A 14 -6.45 -1.94 -2.15
C ALA A 14 -6.74 -3.10 -3.04
N ILE A 15 -5.74 -3.91 -3.27
CA ILE A 15 -5.93 -5.09 -4.07
C ILE A 15 -7.10 -5.86 -3.49
N ALA A 16 -6.87 -6.29 -2.27
CA ALA A 16 -7.87 -7.03 -1.52
C ALA A 16 -9.13 -6.18 -1.34
N LYS A 17 -8.97 -4.88 -1.04
CA LYS A 17 -10.13 -4.03 -0.85
C LYS A 17 -10.76 -3.64 -2.19
N HIS A 18 -9.94 -3.52 -3.23
CA HIS A 18 -10.47 -3.15 -4.54
C HIS A 18 -11.21 -4.33 -5.17
N ASN A 19 -10.90 -5.53 -4.69
CA ASN A 19 -11.54 -6.73 -5.22
C ASN A 19 -11.35 -6.83 -6.73
N NH2 A 20 -10.60 -7.77 -7.22
HN1 NH2 A 20 -10.47 -7.84 -8.20
HN2 NH2 A 20 -10.16 -8.42 -6.63
N PHE A 1 12.22 11.18 0.06
CA PHE A 1 11.98 9.84 -0.56
C PHE A 1 11.20 8.97 0.41
N LEU A 2 11.72 8.83 1.62
CA LEU A 2 11.06 8.02 2.64
C LEU A 2 9.57 8.35 2.69
N SER A 3 8.77 7.60 1.92
CA SER A 3 7.34 7.82 1.88
C SER A 3 6.71 7.05 0.73
N LEU A 4 7.52 6.24 0.05
CA LEU A 4 7.03 5.45 -1.08
C LEU A 4 7.07 3.95 -0.75
N ILE A 5 8.01 3.57 0.11
CA ILE A 5 8.14 2.16 0.49
C ILE A 5 7.17 1.79 1.59
N PRO A 6 6.87 2.70 2.48
CA PRO A 6 5.94 2.45 3.61
C PRO A 6 4.48 2.71 3.22
N HIS A 7 4.28 3.22 2.01
CA HIS A 7 2.94 3.50 1.52
C HIS A 7 2.35 2.29 0.82
N ALA A 8 3.13 1.70 -0.09
CA ALA A 8 2.67 0.53 -0.83
C ALA A 8 2.35 -0.61 0.13
N ILE A 9 3.08 -0.67 1.23
CA ILE A 9 2.86 -1.72 2.22
C ILE A 9 1.45 -1.63 2.79
N ASN A 10 0.82 -0.47 2.61
CA ASN A 10 -0.54 -0.26 3.10
C ASN A 10 -1.55 -0.56 2.00
N ALA A 11 -1.18 -0.27 0.76
CA ALA A 11 -2.06 -0.50 -0.38
C ALA A 11 -2.43 -1.98 -0.47
N VAL A 12 -1.72 -2.81 0.28
CA VAL A 12 -1.98 -4.25 0.26
C VAL A 12 -3.45 -4.52 0.53
N SER A 13 -4.18 -3.48 0.91
CA SER A 13 -5.60 -3.60 1.18
C SER A 13 -6.38 -3.21 -0.05
N ALA A 14 -5.78 -2.37 -0.88
CA ALA A 14 -6.46 -1.95 -2.10
C ALA A 14 -6.52 -3.08 -3.08
N ILE A 15 -5.50 -3.88 -3.09
CA ILE A 15 -5.48 -5.04 -3.94
C ILE A 15 -6.70 -5.86 -3.61
N ALA A 16 -6.70 -6.32 -2.38
CA ALA A 16 -7.80 -7.11 -1.86
C ALA A 16 -9.09 -6.32 -1.91
N LYS A 17 -9.04 -5.02 -1.57
CA LYS A 17 -10.25 -4.20 -1.59
C LYS A 17 -10.62 -3.85 -3.03
N HIS A 18 -9.62 -3.65 -3.89
CA HIS A 18 -9.90 -3.31 -5.28
C HIS A 18 -10.93 -4.27 -5.87
N ASN A 19 -10.71 -5.56 -5.65
CA ASN A 19 -11.62 -6.58 -6.16
C ASN A 19 -12.68 -6.92 -5.12
N NH2 A 20 -12.91 -8.18 -4.82
HN1 NH2 A 20 -13.59 -8.40 -4.15
HN2 NH2 A 20 -12.39 -8.89 -5.26
N PHE A 1 11.61 11.54 3.88
CA PHE A 1 12.50 10.40 3.47
C PHE A 1 12.02 9.13 4.16
N LEU A 2 12.21 8.00 3.49
CA LEU A 2 11.80 6.71 4.05
C LEU A 2 10.28 6.56 3.99
N SER A 3 9.59 7.70 3.90
CA SER A 3 8.14 7.69 3.84
C SER A 3 7.66 7.23 2.46
N LEU A 4 8.28 6.16 1.95
CA LEU A 4 7.92 5.63 0.64
C LEU A 4 7.55 4.16 0.75
N ILE A 5 8.19 3.46 1.67
CA ILE A 5 7.92 2.04 1.87
C ILE A 5 6.57 1.81 2.54
N PRO A 6 6.23 2.66 3.48
CA PRO A 6 4.94 2.57 4.23
C PRO A 6 3.74 2.70 3.30
N HIS A 7 3.96 3.27 2.13
CA HIS A 7 2.89 3.44 1.15
C HIS A 7 2.64 2.16 0.39
N ALA A 8 3.72 1.50 -0.02
CA ALA A 8 3.61 0.25 -0.76
C ALA A 8 2.96 -0.82 0.09
N ILE A 9 3.24 -0.78 1.39
CA ILE A 9 2.68 -1.75 2.32
C ILE A 9 1.19 -1.51 2.52
N ASN A 10 0.72 -0.35 2.06
CA ASN A 10 -0.71 -0.01 2.18
C ASN A 10 -1.47 -0.45 0.95
N ALA A 11 -0.98 -0.07 -0.22
CA ALA A 11 -1.64 -0.42 -1.48
C ALA A 11 -2.00 -1.91 -1.48
N VAL A 12 -1.34 -2.68 -0.63
CA VAL A 12 -1.60 -4.12 -0.56
C VAL A 12 -3.02 -4.37 -0.08
N SER A 13 -3.69 -3.32 0.35
CA SER A 13 -5.07 -3.44 0.81
C SER A 13 -6.02 -3.11 -0.31
N ALA A 14 -5.53 -2.36 -1.30
CA ALA A 14 -6.37 -1.99 -2.42
C ALA A 14 -6.56 -3.17 -3.33
N ILE A 15 -5.55 -3.99 -3.41
CA ILE A 15 -5.66 -5.19 -4.21
C ILE A 15 -6.82 -5.99 -3.67
N ALA A 16 -6.65 -6.40 -2.44
CA ALA A 16 -7.65 -7.16 -1.73
C ALA A 16 -8.93 -6.35 -1.61
N LYS A 17 -8.82 -5.04 -1.34
CA LYS A 17 -10.02 -4.22 -1.21
C LYS A 17 -10.59 -3.84 -2.57
N HIS A 18 -9.74 -3.72 -3.58
CA HIS A 18 -10.21 -3.37 -4.92
C HIS A 18 -11.45 -4.20 -5.27
N ASN A 19 -11.45 -5.46 -4.86
CA ASN A 19 -12.57 -6.34 -5.13
C ASN A 19 -12.95 -7.14 -3.88
N NH2 A 20 -12.16 -8.08 -3.46
HN1 NH2 A 20 -12.40 -8.59 -2.64
HN2 NH2 A 20 -11.33 -8.28 -3.94
N PHE A 1 14.47 9.65 2.25
CA PHE A 1 13.76 8.81 1.24
C PHE A 1 12.74 7.92 1.95
N LEU A 2 13.00 7.64 3.23
CA LEU A 2 12.10 6.80 4.01
C LEU A 2 10.69 7.37 3.99
N SER A 3 9.84 6.82 3.13
CA SER A 3 8.47 7.30 3.03
C SER A 3 7.73 6.58 1.91
N LEU A 4 8.46 5.72 1.19
CA LEU A 4 7.87 4.98 0.07
C LEU A 4 7.70 3.51 0.45
N ILE A 5 8.40 3.08 1.49
CA ILE A 5 8.31 1.69 1.94
C ILE A 5 7.03 1.42 2.71
N PRO A 6 6.58 2.36 3.48
CA PRO A 6 5.35 2.23 4.30
C PRO A 6 4.10 2.64 3.53
N HIS A 7 4.30 3.17 2.32
CA HIS A 7 3.17 3.60 1.50
C HIS A 7 2.69 2.47 0.59
N ALA A 8 3.62 1.87 -0.14
CA ALA A 8 3.28 0.78 -1.04
C ALA A 8 2.68 -0.39 -0.28
N ILE A 9 3.17 -0.60 0.94
CA ILE A 9 2.68 -1.68 1.78
C ILE A 9 1.24 -1.44 2.18
N ASN A 10 0.77 -0.21 2.01
CA ASN A 10 -0.60 0.14 2.36
C ASN A 10 -1.54 -0.21 1.22
N ALA A 11 -1.14 0.10 0.00
CA ALA A 11 -1.96 -0.19 -1.16
C ALA A 11 -2.29 -1.68 -1.24
N VAL A 12 -1.51 -2.49 -0.51
CA VAL A 12 -1.71 -3.93 -0.50
C VAL A 12 -3.11 -4.27 -0.03
N SER A 13 -3.84 -3.26 0.44
CA SER A 13 -5.19 -3.46 0.90
C SER A 13 -6.16 -3.13 -0.21
N ALA A 14 -5.73 -2.31 -1.15
CA ALA A 14 -6.60 -1.94 -2.26
C ALA A 14 -6.73 -3.09 -3.21
N ILE A 15 -5.68 -3.85 -3.33
CA ILE A 15 -5.71 -5.01 -4.17
C ILE A 15 -6.81 -5.91 -3.66
N ALA A 16 -6.60 -6.33 -2.43
CA ALA A 16 -7.55 -7.17 -1.73
C ALA A 16 -8.90 -6.46 -1.62
N LYS A 17 -8.89 -5.16 -1.31
CA LYS A 17 -10.14 -4.43 -1.19
C LYS A 17 -10.74 -4.15 -2.56
N HIS A 18 -9.88 -3.90 -3.55
CA HIS A 18 -10.37 -3.62 -4.90
C HIS A 18 -11.39 -4.68 -5.32
N ASN A 19 -11.10 -5.93 -4.99
CA ASN A 19 -11.99 -7.03 -5.34
C ASN A 19 -13.40 -6.77 -4.80
N NH2 A 20 -13.58 -6.66 -3.51
HN1 NH2 A 20 -14.49 -6.49 -3.16
HN2 NH2 A 20 -12.82 -6.74 -2.90
N PHE A 1 12.36 9.80 8.03
CA PHE A 1 12.56 9.27 6.65
C PHE A 1 12.07 7.82 6.59
N LEU A 2 10.79 7.62 6.88
CA LEU A 2 10.20 6.29 6.86
C LEU A 2 8.87 6.31 6.10
N SER A 3 8.32 7.50 5.91
CA SER A 3 7.05 7.64 5.22
C SER A 3 7.22 7.37 3.73
N LEU A 4 7.85 6.24 3.41
CA LEU A 4 8.08 5.87 2.01
C LEU A 4 7.69 4.41 1.78
N ILE A 5 8.09 3.54 2.70
CA ILE A 5 7.79 2.12 2.57
C ILE A 5 6.34 1.80 2.94
N PRO A 6 5.80 2.49 3.91
CA PRO A 6 4.40 2.28 4.37
C PRO A 6 3.40 2.51 3.25
N HIS A 7 3.83 3.22 2.22
CA HIS A 7 2.97 3.49 1.07
C HIS A 7 2.84 2.26 0.20
N ALA A 8 3.94 1.52 0.06
CA ALA A 8 3.95 0.32 -0.74
C ALA A 8 3.11 -0.77 -0.09
N ILE A 9 3.21 -0.87 1.22
CA ILE A 9 2.47 -1.86 1.98
C ILE A 9 0.98 -1.51 2.02
N ASN A 10 0.67 -0.26 1.68
CA ASN A 10 -0.72 0.20 1.68
C ASN A 10 -1.43 -0.27 0.41
N ALA A 11 -0.75 -0.16 -0.72
CA ALA A 11 -1.34 -0.57 -1.99
C ALA A 11 -1.76 -2.04 -1.94
N VAL A 12 -1.17 -2.77 -1.00
CA VAL A 12 -1.49 -4.19 -0.84
C VAL A 12 -2.88 -4.38 -0.27
N SER A 13 -3.49 -3.28 0.15
CA SER A 13 -4.83 -3.32 0.70
C SER A 13 -5.84 -3.01 -0.38
N ALA A 14 -5.40 -2.33 -1.44
CA ALA A 14 -6.29 -2.00 -2.52
C ALA A 14 -6.58 -3.21 -3.35
N ILE A 15 -5.62 -4.07 -3.45
CA ILE A 15 -5.81 -5.31 -4.16
C ILE A 15 -6.96 -6.03 -3.51
N ALA A 16 -6.71 -6.37 -2.27
CA ALA A 16 -7.70 -7.05 -1.45
C ALA A 16 -8.95 -6.19 -1.28
N LYS A 17 -8.77 -4.87 -1.11
CA LYS A 17 -9.92 -4.00 -0.94
C LYS A 17 -10.58 -3.68 -2.29
N HIS A 18 -9.79 -3.65 -3.36
CA HIS A 18 -10.34 -3.37 -4.69
C HIS A 18 -11.64 -4.15 -4.90
N ASN A 19 -11.60 -5.43 -4.56
CA ASN A 19 -12.78 -6.28 -4.71
C ASN A 19 -12.54 -7.65 -4.09
N NH2 A 20 -11.38 -7.92 -3.56
HN1 NH2 A 20 -11.21 -8.81 -3.16
HN2 NH2 A 20 -10.66 -7.24 -3.58
N PHE A 1 13.29 10.39 1.60
CA PHE A 1 13.30 9.92 0.19
C PHE A 1 12.85 8.46 0.15
N LEU A 2 13.28 7.69 1.14
CA LEU A 2 12.93 6.27 1.21
C LEU A 2 11.46 6.11 1.60
N SER A 3 10.84 7.22 2.01
CA SER A 3 9.44 7.19 2.40
C SER A 3 8.53 6.90 1.20
N LEU A 4 8.70 5.72 0.62
CA LEU A 4 7.90 5.33 -0.55
C LEU A 4 7.35 3.92 -0.38
N ILE A 5 8.09 3.07 0.33
CA ILE A 5 7.67 1.70 0.56
C ILE A 5 6.54 1.62 1.60
N PRO A 6 6.60 2.45 2.60
CA PRO A 6 5.59 2.49 3.69
C PRO A 6 4.19 2.73 3.15
N HIS A 7 4.11 3.20 1.91
CA HIS A 7 2.82 3.48 1.28
C HIS A 7 2.33 2.25 0.54
N ALA A 8 3.23 1.59 -0.17
CA ALA A 8 2.87 0.39 -0.93
C ALA A 8 2.48 -0.74 0.02
N ILE A 9 3.11 -0.77 1.18
CA ILE A 9 2.83 -1.79 2.17
C ILE A 9 1.40 -1.64 2.69
N ASN A 10 0.81 -0.49 2.46
CA ASN A 10 -0.55 -0.22 2.91
C ASN A 10 -1.56 -0.54 1.81
N ALA A 11 -1.25 -0.12 0.59
CA ALA A 11 -2.13 -0.37 -0.54
C ALA A 11 -2.47 -1.85 -0.64
N VAL A 12 -1.70 -2.67 0.04
CA VAL A 12 -1.93 -4.12 0.02
C VAL A 12 -3.37 -4.43 0.40
N SER A 13 -4.08 -3.43 0.86
CA SER A 13 -5.47 -3.58 1.24
C SER A 13 -6.35 -3.17 0.08
N ALA A 14 -5.82 -2.32 -0.78
CA ALA A 14 -6.59 -1.87 -1.93
C ALA A 14 -6.70 -2.97 -2.95
N ILE A 15 -5.64 -3.71 -3.09
CA ILE A 15 -5.65 -4.83 -3.99
C ILE A 15 -6.83 -5.70 -3.62
N ALA A 16 -6.72 -6.23 -2.42
CA ALA A 16 -7.74 -7.08 -1.86
C ALA A 16 -9.07 -6.32 -1.74
N LYS A 17 -9.01 -5.04 -1.33
CA LYS A 17 -10.24 -4.28 -1.20
C LYS A 17 -10.74 -3.79 -2.56
N HIS A 18 -9.83 -3.53 -3.49
CA HIS A 18 -10.23 -3.08 -4.82
C HIS A 18 -10.54 -4.26 -5.73
N ASN A 19 -10.12 -5.45 -5.31
CA ASN A 19 -10.37 -6.65 -6.09
C ASN A 19 -11.80 -7.14 -5.89
N NH2 A 20 -12.28 -7.23 -4.68
HN1 NH2 A 20 -13.21 -7.55 -4.54
HN2 NH2 A 20 -11.72 -7.00 -3.92
N PHE A 1 14.58 7.66 0.46
CA PHE A 1 13.23 7.06 0.56
C PHE A 1 12.81 6.97 2.02
N LEU A 2 12.95 5.78 2.60
CA LEU A 2 12.59 5.58 4.01
C LEU A 2 11.28 6.30 4.33
N SER A 3 10.40 6.39 3.34
CA SER A 3 9.12 7.05 3.54
C SER A 3 8.21 6.83 2.33
N LEU A 4 8.69 6.02 1.38
CA LEU A 4 7.91 5.73 0.18
C LEU A 4 7.42 4.29 0.20
N ILE A 5 8.12 3.43 0.93
CA ILE A 5 7.74 2.03 1.02
C ILE A 5 6.53 1.80 1.92
N PRO A 6 6.43 2.56 2.98
CA PRO A 6 5.30 2.45 3.95
C PRO A 6 3.95 2.68 3.29
N HIS A 7 3.98 3.25 2.10
CA HIS A 7 2.75 3.52 1.35
C HIS A 7 2.37 2.32 0.49
N ALA A 8 3.36 1.71 -0.13
CA ALA A 8 3.12 0.55 -0.98
C ALA A 8 2.69 -0.65 -0.14
N ILE A 9 3.24 -0.73 1.06
CA ILE A 9 2.91 -1.82 1.97
C ILE A 9 1.45 -1.74 2.39
N ASN A 10 0.85 -0.58 2.19
CA ASN A 10 -0.55 -0.38 2.56
C ASN A 10 -1.46 -0.69 1.37
N ALA A 11 -0.97 -0.45 0.17
CA ALA A 11 -1.75 -0.71 -1.04
C ALA A 11 -2.23 -2.16 -1.06
N VAL A 12 -1.59 -2.99 -0.25
CA VAL A 12 -1.96 -4.40 -0.18
C VAL A 12 -3.41 -4.56 0.26
N SER A 13 -4.01 -3.46 0.68
CA SER A 13 -5.39 -3.48 1.09
C SER A 13 -6.28 -3.06 -0.06
N ALA A 14 -5.71 -2.33 -1.01
CA ALA A 14 -6.49 -1.90 -2.16
C ALA A 14 -6.73 -3.05 -3.09
N ILE A 15 -5.80 -3.95 -3.14
CA ILE A 15 -5.97 -5.12 -3.94
C ILE A 15 -7.21 -5.84 -3.46
N ALA A 16 -7.10 -6.28 -2.23
CA ALA A 16 -8.18 -6.97 -1.56
C ALA A 16 -9.41 -6.06 -1.47
N LYS A 17 -9.20 -4.76 -1.19
CA LYS A 17 -10.33 -3.86 -1.08
C LYS A 17 -10.83 -3.43 -2.45
N HIS A 18 -9.92 -3.35 -3.43
CA HIS A 18 -10.31 -2.95 -4.78
C HIS A 18 -10.38 -4.15 -5.72
N ASN A 19 -10.35 -5.35 -5.14
CA ASN A 19 -10.40 -6.57 -5.94
C ASN A 19 -10.75 -7.77 -5.06
N NH2 A 20 -9.90 -8.17 -4.16
HN1 NH2 A 20 -10.12 -8.94 -3.58
HN2 NH2 A 20 -9.05 -7.70 -4.05
N PHE A 1 12.82 11.09 4.81
CA PHE A 1 11.71 11.03 3.81
C PHE A 1 11.08 9.63 3.85
N LEU A 2 10.95 9.09 5.06
CA LEU A 2 10.36 7.76 5.23
C LEU A 2 8.85 7.82 5.02
N SER A 3 8.42 7.50 3.80
CA SER A 3 7.00 7.51 3.47
C SER A 3 6.77 6.96 2.06
N LEU A 4 7.81 6.37 1.49
CA LEU A 4 7.73 5.81 0.14
C LEU A 4 7.34 4.33 0.19
N ILE A 5 8.14 3.52 0.88
CA ILE A 5 7.87 2.10 0.98
C ILE A 5 6.68 1.81 1.89
N PRO A 6 6.54 2.54 2.95
CA PRO A 6 5.43 2.36 3.93
C PRO A 6 4.07 2.55 3.28
N HIS A 7 4.06 3.22 2.13
CA HIS A 7 2.82 3.47 1.40
C HIS A 7 2.44 2.25 0.57
N ALA A 8 3.43 1.67 -0.10
CA ALA A 8 3.17 0.49 -0.92
C ALA A 8 2.65 -0.66 -0.07
N ILE A 9 3.12 -0.72 1.17
CA ILE A 9 2.71 -1.76 2.08
C ILE A 9 1.23 -1.61 2.44
N ASN A 10 0.68 -0.44 2.14
CA ASN A 10 -0.72 -0.16 2.42
C ASN A 10 -1.60 -0.51 1.22
N ALA A 11 -1.05 -0.36 0.02
CA ALA A 11 -1.79 -0.66 -1.19
C ALA A 11 -2.23 -2.12 -1.20
N VAL A 12 -1.56 -2.93 -0.39
CA VAL A 12 -1.89 -4.35 -0.31
C VAL A 12 -3.31 -4.54 0.18
N SER A 13 -3.92 -3.45 0.61
CA SER A 13 -5.29 -3.50 1.09
C SER A 13 -6.24 -3.11 -0.03
N ALA A 14 -5.72 -2.38 -1.02
CA ALA A 14 -6.56 -1.98 -2.13
C ALA A 14 -6.82 -3.14 -3.03
N ILE A 15 -5.87 -4.02 -3.12
CA ILE A 15 -6.04 -5.21 -3.90
C ILE A 15 -7.24 -5.95 -3.36
N ALA A 16 -7.08 -6.35 -2.12
CA ALA A 16 -8.12 -7.05 -1.39
C ALA A 16 -9.35 -6.16 -1.24
N LYS A 17 -9.16 -4.86 -1.00
CA LYS A 17 -10.29 -3.97 -0.84
C LYS A 17 -10.87 -3.56 -2.19
N HIS A 18 -10.02 -3.48 -3.22
CA HIS A 18 -10.51 -3.09 -4.55
C HIS A 18 -10.69 -4.32 -5.44
N ASN A 19 -10.40 -5.49 -4.88
CA ASN A 19 -10.54 -6.75 -5.63
C ASN A 19 -10.12 -6.55 -7.09
N NH2 A 20 -11.02 -6.68 -8.03
HN1 NH2 A 20 -10.76 -6.56 -8.96
HN2 NH2 A 20 -11.95 -6.90 -7.79
N PHE A 1 13.65 6.59 -0.09
CA PHE A 1 13.73 7.24 1.24
C PHE A 1 12.75 6.56 2.19
N LEU A 2 12.96 6.75 3.49
CA LEU A 2 12.10 6.15 4.50
C LEU A 2 10.79 6.94 4.61
N SER A 3 9.90 6.73 3.65
CA SER A 3 8.61 7.42 3.66
C SER A 3 7.82 7.08 2.40
N LEU A 4 8.41 6.25 1.54
CA LEU A 4 7.75 5.85 0.30
C LEU A 4 7.35 4.37 0.36
N ILE A 5 8.05 3.61 1.19
CA ILE A 5 7.76 2.19 1.32
C ILE A 5 6.50 1.94 2.15
N PRO A 6 6.28 2.73 3.16
CA PRO A 6 5.09 2.61 4.05
C PRO A 6 3.78 2.73 3.28
N HIS A 7 3.86 3.31 2.08
CA HIS A 7 2.68 3.49 1.24
C HIS A 7 2.41 2.22 0.44
N ALA A 8 3.47 1.64 -0.13
CA ALA A 8 3.33 0.43 -0.92
C ALA A 8 2.86 -0.73 -0.05
N ILE A 9 3.36 -0.75 1.18
CA ILE A 9 2.99 -1.81 2.12
C ILE A 9 1.52 -1.68 2.51
N ASN A 10 0.95 -0.51 2.25
CA ASN A 10 -0.46 -0.26 2.57
C ASN A 10 -1.34 -0.63 1.40
N ALA A 11 -0.86 -0.36 0.18
CA ALA A 11 -1.62 -0.67 -1.01
C ALA A 11 -2.08 -2.13 -1.01
N VAL A 12 -1.44 -2.93 -0.16
CA VAL A 12 -1.79 -4.34 -0.06
C VAL A 12 -3.25 -4.51 0.31
N SER A 13 -3.91 -3.40 0.64
CA SER A 13 -5.31 -3.41 0.99
C SER A 13 -6.14 -3.08 -0.22
N ALA A 14 -5.54 -2.37 -1.18
CA ALA A 14 -6.26 -2.00 -2.37
C ALA A 14 -6.43 -3.20 -3.27
N ILE A 15 -5.48 -4.08 -3.23
CA ILE A 15 -5.57 -5.30 -4.00
C ILE A 15 -6.81 -6.03 -3.53
N ALA A 16 -6.76 -6.38 -2.28
CA ALA A 16 -7.85 -7.06 -1.62
C ALA A 16 -9.11 -6.19 -1.66
N LYS A 17 -8.96 -4.88 -1.43
CA LYS A 17 -10.13 -4.00 -1.44
C LYS A 17 -10.56 -3.68 -2.88
N HIS A 18 -9.60 -3.62 -3.80
CA HIS A 18 -9.93 -3.31 -5.20
C HIS A 18 -11.15 -4.12 -5.64
N ASN A 19 -11.25 -5.35 -5.13
CA ASN A 19 -12.39 -6.22 -5.48
C ASN A 19 -12.79 -7.08 -4.29
N NH2 A 20 -13.87 -7.80 -4.36
HN1 NH2 A 20 -14.14 -8.36 -3.60
HN2 NH2 A 20 -14.41 -7.80 -5.18
N PHE A 1 11.38 11.91 4.53
CA PHE A 1 10.49 11.91 3.33
C PHE A 1 10.52 10.53 2.68
N LEU A 2 11.02 9.53 3.42
CA LEU A 2 11.11 8.18 2.92
C LEU A 2 9.72 7.53 2.91
N SER A 3 8.68 8.35 2.89
CA SER A 3 7.32 7.85 2.88
C SER A 3 6.98 7.20 1.55
N LEU A 4 7.76 6.18 1.18
CA LEU A 4 7.54 5.47 -0.08
C LEU A 4 7.44 3.97 0.15
N ILE A 5 8.13 3.49 1.18
CA ILE A 5 8.14 2.07 1.49
C ILE A 5 6.90 1.67 2.32
N PRO A 6 6.43 2.54 3.16
CA PRO A 6 5.25 2.28 4.02
C PRO A 6 3.94 2.55 3.28
N HIS A 7 4.03 3.19 2.13
CA HIS A 7 2.85 3.51 1.33
C HIS A 7 2.46 2.32 0.46
N ALA A 8 3.45 1.73 -0.22
CA ALA A 8 3.18 0.60 -1.09
C ALA A 8 2.65 -0.58 -0.28
N ILE A 9 3.15 -0.72 0.94
CA ILE A 9 2.72 -1.81 1.81
C ILE A 9 1.25 -1.64 2.19
N ASN A 10 0.72 -0.44 1.98
CA ASN A 10 -0.67 -0.15 2.32
C ASN A 10 -1.57 -0.50 1.13
N ALA A 11 -1.04 -0.35 -0.08
CA ALA A 11 -1.82 -0.65 -1.27
C ALA A 11 -2.26 -2.10 -1.27
N VAL A 12 -1.57 -2.93 -0.49
CA VAL A 12 -1.89 -4.34 -0.41
C VAL A 12 -3.31 -4.54 0.11
N SER A 13 -3.91 -3.44 0.57
CA SER A 13 -5.26 -3.48 1.07
C SER A 13 -6.23 -3.09 -0.03
N ALA A 14 -5.72 -2.38 -1.03
CA ALA A 14 -6.57 -1.97 -2.14
C ALA A 14 -6.86 -3.14 -3.03
N ILE A 15 -5.93 -4.02 -3.14
CA ILE A 15 -6.12 -5.21 -3.91
C ILE A 15 -7.31 -5.94 -3.33
N ALA A 16 -7.12 -6.33 -2.09
CA ALA A 16 -8.15 -7.02 -1.34
C ALA A 16 -9.37 -6.14 -1.18
N LYS A 17 -9.18 -4.83 -0.95
CA LYS A 17 -10.32 -3.95 -0.79
C LYS A 17 -10.91 -3.55 -2.14
N HIS A 18 -10.07 -3.48 -3.18
CA HIS A 18 -10.55 -3.11 -4.51
C HIS A 18 -10.63 -4.34 -5.41
N ASN A 19 -10.54 -5.52 -4.80
CA ASN A 19 -10.60 -6.77 -5.56
C ASN A 19 -9.64 -6.72 -6.75
N NH2 A 20 -8.49 -7.31 -6.65
HN1 NH2 A 20 -7.86 -7.30 -7.41
HN2 NH2 A 20 -8.24 -7.79 -5.83
#